data_7C8F
#
_entry.id   7C8F
#
_cell.length_a   80.865
_cell.length_b   106.413
_cell.length_c   79.293
_cell.angle_alpha   90.000
_cell.angle_beta   93.850
_cell.angle_gamma   90.000
#
_symmetry.space_group_name_H-M   'C 1 2 1'
#
loop_
_entity.id
_entity.type
_entity.pdbx_description
1 polymer 'H127A/Y244A mutant of alginate lyase AlyC3 in complex with dimannuronate'
2 branched 'beta-D-mannopyranuronic acid-(1-4)-beta-D-mannopyranuronic acid'
3 non-polymer 'MALONATE ION'
4 water water
#
_entity_poly.entity_id   1
_entity_poly.type   'polypeptide(L)'
_entity_poly.pdbx_seq_one_letter_code
;NVQFSNQDGALGEPANYTQFQHVLTESELQISDAEGKKGNKEYFALDGNFTGIVNQYFYVDKKSEALVFKMKNDHLRNEV
RVHKNFRTDLPNKLYTLSAEVEIIDPVASMKNSNSKQNEITFLQVANKGLDNQGTHNVPHPLLRVVWKEDANSVKGHFWA
MVKNNAVICKGSFGKKNKDKEMCKADVAYKKYDLGKAPLNKATAFDITVGNKQLIIDVDGKRLVEHDIDYWRHLLSYFKA
GVANQFTNGMSEAHFNKLEYKALETK
;
_entity_poly.pdbx_strand_id   A,B
#
# COMPACT_ATOMS: atom_id res chain seq x y z
N ASN A 1 35.80 19.32 1.70
CA ASN A 1 34.38 19.54 1.99
C ASN A 1 33.49 19.19 0.81
N VAL A 2 32.19 19.17 1.04
CA VAL A 2 31.24 18.59 0.09
C VAL A 2 30.90 19.61 -0.99
N GLN A 3 31.06 19.21 -2.24
CA GLN A 3 30.82 20.05 -3.40
C GLN A 3 29.72 19.41 -4.25
N PHE A 4 29.10 20.22 -5.10
CA PHE A 4 27.96 19.80 -5.89
C PHE A 4 28.24 19.97 -7.38
N SER A 5 27.76 19.02 -8.16
CA SER A 5 27.97 19.03 -9.61
C SER A 5 27.17 17.89 -10.21
N ASN A 6 26.59 18.12 -11.38
CA ASN A 6 25.84 17.11 -12.06
C ASN A 6 26.66 16.42 -13.15
N GLN A 7 27.97 16.58 -13.09
CA GLN A 7 28.93 15.96 -14.00
C GLN A 7 28.61 16.23 -15.46
N ASP A 8 28.49 17.49 -15.82
CA ASP A 8 28.18 17.91 -17.17
C ASP A 8 26.88 17.28 -17.67
N GLY A 9 25.87 17.23 -16.83
CA GLY A 9 24.60 16.69 -17.20
C GLY A 9 24.39 15.21 -17.04
N ALA A 10 25.40 14.47 -16.62
CA ALA A 10 25.29 13.03 -16.49
C ALA A 10 24.39 12.63 -15.31
N LEU A 11 24.40 13.39 -14.22
CA LEU A 11 23.66 13.05 -13.01
C LEU A 11 22.35 13.84 -12.95
N GLY A 12 21.26 13.16 -12.64
CA GLY A 12 20.00 13.84 -12.43
C GLY A 12 19.98 14.54 -11.08
N GLU A 13 19.38 15.73 -11.05
CA GLU A 13 19.28 16.50 -9.82
C GLU A 13 18.04 16.07 -9.06
N PRO A 14 18.15 15.58 -7.83
CA PRO A 14 16.97 15.04 -7.14
C PRO A 14 15.78 15.99 -7.10
N ALA A 15 16.01 17.29 -6.94
CA ALA A 15 14.92 18.25 -6.88
C ALA A 15 14.14 18.37 -8.18
N ASN A 16 14.66 17.84 -9.29
CA ASN A 16 13.96 17.92 -10.56
C ASN A 16 13.01 16.76 -10.80
N TYR A 17 12.88 15.84 -9.85
CA TYR A 17 12.04 14.65 -10.04
C TYR A 17 10.83 14.72 -9.12
N THR A 18 9.64 14.77 -9.72
CA THR A 18 8.43 15.07 -8.98
C THR A 18 8.17 14.05 -7.87
N GLN A 19 8.56 12.79 -8.09
CA GLN A 19 8.27 11.75 -7.10
C GLN A 19 9.06 11.94 -5.82
N PHE A 20 10.16 12.71 -5.85
CA PHE A 20 10.93 12.98 -4.66
C PHE A 20 10.79 14.40 -4.11
N GLN A 21 10.11 15.29 -4.84
CA GLN A 21 10.10 16.68 -4.44
C GLN A 21 9.50 16.89 -3.05
N HIS A 22 8.41 16.20 -2.73
CA HIS A 22 7.78 16.48 -1.43
C HIS A 22 8.68 16.09 -0.27
N VAL A 23 9.24 14.87 -0.29
CA VAL A 23 10.10 14.49 0.83
C VAL A 23 11.30 15.44 0.94
N LEU A 24 11.85 15.85 -0.17
CA LEU A 24 12.95 16.76 -0.09
C LEU A 24 12.60 18.12 0.54
N THR A 25 11.45 18.67 0.19
CA THR A 25 11.05 19.96 0.77
C THR A 25 10.82 19.87 2.27
N GLU A 26 10.63 18.66 2.74
CA GLU A 26 10.38 18.40 4.14
C GLU A 26 11.62 18.00 4.91
N SER A 27 12.74 18.05 4.25
CA SER A 27 13.99 17.57 4.80
C SER A 27 15.21 18.44 4.58
N GLU A 28 16.31 17.98 5.14
CA GLU A 28 17.63 18.52 4.89
C GLU A 28 18.57 17.36 4.56
N LEU A 29 19.71 17.67 4.01
CA LEU A 29 20.70 16.68 3.66
C LEU A 29 21.83 16.69 4.68
N GLN A 30 22.09 15.54 5.28
CA GLN A 30 23.17 15.38 6.24
C GLN A 30 24.14 14.40 5.62
N ILE A 31 25.27 14.91 5.16
CA ILE A 31 26.19 14.14 4.38
C ILE A 31 27.66 14.33 4.74
N SER A 32 28.37 13.24 4.76
CA SER A 32 29.77 13.29 5.08
C SER A 32 30.60 13.60 3.86
N ASP A 33 31.79 14.10 4.15
CA ASP A 33 32.85 14.28 3.19
C ASP A 33 33.49 12.89 3.19
N ALA A 34 33.40 12.19 2.08
CA ALA A 34 33.90 10.84 1.96
C ALA A 34 35.37 10.67 2.24
N GLU A 35 36.14 11.74 2.04
CA GLU A 35 37.57 11.73 2.29
C GLU A 35 37.93 12.24 3.67
N GLY A 36 36.95 12.70 4.45
CA GLY A 36 37.21 13.34 5.72
C GLY A 36 37.30 12.35 6.87
N LYS A 37 37.37 12.92 8.07
CA LYS A 37 37.59 12.11 9.27
C LYS A 37 36.33 11.33 9.65
N LYS A 38 36.57 10.21 10.33
CA LYS A 38 35.48 9.36 10.81
C LYS A 38 34.44 10.20 11.55
N GLY A 39 33.17 9.97 11.21
CA GLY A 39 32.09 10.66 11.88
C GLY A 39 31.76 12.05 11.36
N ASN A 40 32.52 12.58 10.40
CA ASN A 40 32.28 13.95 9.95
C ASN A 40 30.94 14.04 9.24
N LYS A 41 30.33 15.23 9.28
CA LYS A 41 29.02 15.42 8.68
C LYS A 41 28.81 16.90 8.35
N GLU A 42 28.30 17.16 7.16
CA GLU A 42 27.95 18.50 6.71
C GLU A 42 26.46 18.57 6.41
N TYR A 43 25.92 19.78 6.43
CA TYR A 43 24.47 20.00 6.38
C TYR A 43 24.14 20.93 5.22
N PHE A 44 23.16 20.53 4.40
CA PHE A 44 22.70 21.33 3.27
C PHE A 44 21.18 21.28 3.22
N ALA A 45 20.60 22.20 2.45
CA ALA A 45 19.15 22.30 2.32
C ALA A 45 18.47 22.41 3.69
N LEU A 46 19.05 23.24 4.56
CA LEU A 46 18.50 23.41 5.90
C LEU A 46 17.04 23.85 5.87
N ASP A 47 16.64 24.56 4.81
CA ASP A 47 15.28 25.04 4.63
C ASP A 47 14.44 24.13 3.73
N GLY A 48 14.94 22.97 3.35
CA GLY A 48 14.19 22.12 2.47
C GLY A 48 14.32 22.44 0.99
N ASN A 49 15.19 23.38 0.62
CA ASN A 49 15.35 23.73 -0.79
C ASN A 49 16.56 22.95 -1.32
N PHE A 50 16.28 21.92 -2.12
CA PHE A 50 17.29 21.07 -2.70
C PHE A 50 17.72 21.52 -4.09
N THR A 51 17.30 22.71 -4.53
CA THR A 51 17.71 23.19 -5.85
C THR A 51 19.23 23.25 -5.92
N GLY A 52 19.81 22.62 -6.95
CA GLY A 52 21.25 22.59 -7.12
C GLY A 52 22.00 21.57 -6.27
N ILE A 53 21.32 20.79 -5.44
CA ILE A 53 21.98 19.85 -4.54
C ILE A 53 22.09 18.50 -5.26
N VAL A 54 23.28 18.20 -5.75
CA VAL A 54 23.53 16.98 -6.52
C VAL A 54 25.04 16.75 -6.58
N ASN A 55 25.44 15.49 -6.46
CA ASN A 55 26.83 15.12 -6.68
C ASN A 55 26.92 13.61 -6.88
N GLN A 56 28.16 13.12 -7.02
CA GLN A 56 28.36 11.71 -7.33
C GLN A 56 27.86 10.78 -6.24
N TYR A 57 27.60 11.30 -5.04
CA TYR A 57 27.10 10.52 -3.92
C TYR A 57 25.60 10.70 -3.68
N PHE A 58 24.98 11.70 -4.29
CA PHE A 58 23.57 12.02 -4.04
C PHE A 58 23.01 12.55 -5.35
N TYR A 59 22.27 11.71 -6.07
CA TYR A 59 21.80 12.08 -7.40
C TYR A 59 20.63 11.17 -7.78
N VAL A 60 19.96 11.52 -8.87
CA VAL A 60 18.95 10.65 -9.47
C VAL A 60 19.54 10.06 -10.74
N ASP A 61 19.50 8.74 -10.82
CA ASP A 61 19.93 8.05 -12.04
C ASP A 61 18.95 8.41 -13.15
N LYS A 62 19.44 9.05 -14.21
CA LYS A 62 18.54 9.55 -15.25
C LYS A 62 17.80 8.42 -15.96
N LYS A 63 18.42 7.24 -16.09
CA LYS A 63 17.75 6.15 -16.78
C LYS A 63 16.65 5.51 -15.92
N SER A 64 16.98 5.12 -14.68
CA SER A 64 16.02 4.44 -13.82
C SER A 64 15.17 5.39 -12.98
N GLU A 65 15.59 6.64 -12.85
CA GLU A 65 14.95 7.62 -11.96
C GLU A 65 15.02 7.22 -10.49
N ALA A 66 15.94 6.33 -10.12
CA ALA A 66 16.16 6.03 -8.71
C ALA A 66 16.93 7.16 -8.05
N LEU A 67 16.54 7.49 -6.82
CA LEU A 67 17.35 8.37 -6.00
C LEU A 67 18.48 7.56 -5.39
N VAL A 68 19.72 7.96 -5.68
CA VAL A 68 20.90 7.19 -5.33
C VAL A 68 21.63 7.87 -4.17
N PHE A 69 21.89 7.12 -3.12
CA PHE A 69 22.74 7.54 -2.01
C PHE A 69 23.95 6.61 -1.99
N LYS A 70 25.14 7.19 -1.96
CA LYS A 70 26.38 6.44 -1.80
C LYS A 70 27.22 7.08 -0.72
N MET A 71 28.07 6.29 -0.10
CA MET A 71 29.04 6.78 0.85
C MET A 71 30.13 5.76 1.11
N LYS A 72 31.33 6.22 1.29
CA LYS A 72 32.43 5.33 1.57
C LYS A 72 33.00 5.61 2.95
N ASN A 73 33.54 4.57 3.53
CA ASN A 73 34.20 4.57 4.82
C ASN A 73 33.33 4.39 6.06
N ASP A 74 33.91 3.85 7.10
CA ASP A 74 33.22 3.55 8.33
C ASP A 74 32.68 4.76 9.03
N HIS A 75 31.44 4.65 9.47
CA HIS A 75 30.77 5.67 10.26
C HIS A 75 30.60 6.99 9.51
N LEU A 76 30.66 6.95 8.19
CA LEU A 76 30.26 8.08 7.38
C LEU A 76 28.85 7.82 6.83
N ARG A 77 28.14 8.89 6.52
CA ARG A 77 26.73 8.78 6.20
C ARG A 77 26.34 9.76 5.11
N ASN A 78 25.15 9.51 4.55
CA ASN A 78 24.60 10.33 3.50
C ASN A 78 23.09 10.10 3.58
N GLU A 79 22.38 11.02 4.23
CA GLU A 79 20.98 10.80 4.56
C GLU A 79 20.16 12.05 4.40
N VAL A 80 18.97 11.91 3.86
N VAL A 80 18.97 11.89 3.88
CA VAL A 80 17.97 12.93 4.07
CA VAL A 80 17.95 12.91 4.05
C VAL A 80 17.35 12.78 5.46
C VAL A 80 17.36 12.77 5.44
N ARG A 81 17.17 13.90 6.12
CA ARG A 81 16.66 13.94 7.49
C ARG A 81 15.38 14.76 7.44
N VAL A 82 14.24 14.10 7.64
CA VAL A 82 12.94 14.77 7.57
C VAL A 82 12.80 15.66 8.80
N HIS A 83 12.41 16.93 8.58
CA HIS A 83 12.53 17.94 9.63
C HIS A 83 11.60 17.73 10.82
N LYS A 84 10.42 17.16 10.60
CA LYS A 84 9.43 17.09 11.69
C LYS A 84 9.95 16.23 12.83
N ASN A 85 9.95 16.75 14.04
CA ASN A 85 10.26 16.00 15.24
C ASN A 85 8.87 15.72 15.85
N PHE A 86 8.36 14.52 15.58
CA PHE A 86 7.02 14.14 15.94
C PHE A 86 6.85 13.34 17.19
N ARG A 87 5.66 13.45 17.75
CA ARG A 87 5.26 12.65 18.89
C ARG A 87 4.90 11.29 18.36
N THR A 88 5.22 10.25 19.10
CA THR A 88 4.98 8.88 18.70
C THR A 88 3.82 8.24 19.45
N ASP A 89 3.21 8.97 20.40
CA ASP A 89 2.31 8.40 21.38
C ASP A 89 0.85 8.82 21.22
N LEU A 90 0.51 9.59 20.19
CA LEU A 90 -0.84 10.13 20.11
C LEU A 90 -1.70 9.35 19.12
N PRO A 91 -2.98 9.14 19.44
CA PRO A 91 -3.82 8.30 18.57
C PRO A 91 -4.18 8.97 17.27
N ASN A 92 -4.17 10.30 17.23
CA ASN A 92 -4.65 11.04 16.08
C ASN A 92 -3.52 11.58 15.21
N LYS A 93 -2.28 11.19 15.46
CA LYS A 93 -1.13 11.67 14.71
C LYS A 93 -0.25 10.49 14.35
N LEU A 94 -0.19 10.17 13.06
CA LEU A 94 0.62 9.07 12.55
C LEU A 94 1.55 9.62 11.49
N TYR A 95 2.78 9.12 11.47
CA TYR A 95 3.83 9.63 10.59
C TYR A 95 4.39 8.46 9.82
N THR A 96 4.45 8.59 8.52
N THR A 96 4.43 8.59 8.50
CA THR A 96 4.82 7.49 7.69
CA THR A 96 4.77 7.46 7.65
C THR A 96 5.94 7.83 6.74
C THR A 96 5.88 7.79 6.67
N LEU A 97 6.88 6.92 6.62
CA LEU A 97 7.92 6.97 5.64
C LEU A 97 7.78 5.74 4.77
N SER A 98 7.72 5.98 3.47
CA SER A 98 7.57 4.90 2.51
C SER A 98 8.72 4.91 1.52
N ALA A 99 9.36 3.77 1.37
CA ALA A 99 10.46 3.67 0.47
C ALA A 99 10.44 2.37 -0.32
N GLU A 100 11.09 2.39 -1.47
CA GLU A 100 11.30 1.18 -2.27
C GLU A 100 12.81 1.26 -2.48
N VAL A 101 13.54 0.29 -1.98
CA VAL A 101 14.98 0.30 -1.98
C VAL A 101 15.66 -0.95 -2.46
N GLU A 102 16.77 -0.75 -3.15
CA GLU A 102 17.65 -1.80 -3.57
C GLU A 102 19.07 -1.47 -3.10
N ILE A 103 19.69 -2.37 -2.37
CA ILE A 103 21.06 -2.19 -1.92
C ILE A 103 21.97 -2.85 -2.96
N ILE A 104 22.88 -2.07 -3.53
CA ILE A 104 23.68 -2.50 -4.67
C ILE A 104 24.94 -3.19 -4.19
N ASP A 105 25.14 -4.44 -4.62
CA ASP A 105 26.30 -5.28 -4.34
C ASP A 105 26.87 -5.08 -2.94
N PRO A 106 26.07 -5.32 -1.90
CA PRO A 106 26.58 -5.10 -0.53
C PRO A 106 27.70 -6.05 -0.13
N VAL A 107 27.71 -7.28 -0.63
CA VAL A 107 28.82 -8.16 -0.30
C VAL A 107 30.13 -7.56 -0.81
N ALA A 108 30.12 -7.02 -2.02
CA ALA A 108 31.30 -6.32 -2.54
C ALA A 108 31.64 -5.09 -1.69
N SER A 109 30.62 -4.36 -1.22
CA SER A 109 30.91 -3.19 -0.38
C SER A 109 31.76 -3.56 0.81
N MET A 110 31.54 -4.74 1.39
CA MET A 110 32.20 -5.13 2.62
C MET A 110 33.39 -6.05 2.42
N LYS A 111 33.82 -6.24 1.16
CA LYS A 111 34.89 -7.18 0.83
C LYS A 111 36.17 -6.90 1.62
N ASN A 112 36.45 -5.65 1.96
CA ASN A 112 37.68 -5.30 2.65
C ASN A 112 37.44 -4.80 4.07
N SER A 113 36.28 -5.11 4.63
CA SER A 113 35.91 -4.61 5.95
C SER A 113 36.48 -5.53 7.03
N ASN A 114 36.93 -4.91 8.12
CA ASN A 114 37.28 -5.64 9.33
C ASN A 114 36.35 -5.29 10.49
N SER A 115 35.20 -4.69 10.20
CA SER A 115 34.21 -4.38 11.22
C SER A 115 33.58 -5.66 11.76
N LYS A 116 33.27 -5.66 13.06
CA LYS A 116 32.49 -6.74 13.65
C LYS A 116 31.00 -6.56 13.40
N GLN A 117 30.57 -5.38 12.95
CA GLN A 117 29.15 -5.10 12.71
C GLN A 117 28.74 -5.43 11.28
N ASN A 118 29.43 -4.86 10.30
CA ASN A 118 29.18 -5.13 8.88
C ASN A 118 27.70 -4.97 8.54
N GLU A 119 27.23 -3.72 8.71
CA GLU A 119 25.85 -3.36 8.41
C GLU A 119 25.84 -2.10 7.56
N ILE A 120 24.80 -1.96 6.74
CA ILE A 120 24.46 -0.70 6.09
C ILE A 120 23.07 -0.31 6.58
N THR A 121 22.96 0.86 7.22
CA THR A 121 21.67 1.35 7.69
C THR A 121 21.11 2.28 6.62
N PHE A 122 19.85 2.04 6.19
CA PHE A 122 19.27 2.85 5.13
C PHE A 122 17.93 3.50 5.47
N LEU A 123 17.29 3.13 6.57
CA LEU A 123 16.14 3.85 7.10
C LEU A 123 16.28 3.90 8.61
N GLN A 124 15.86 5.01 9.21
CA GLN A 124 16.03 5.17 10.65
CA GLN A 124 16.00 5.13 10.65
C GLN A 124 14.87 5.98 11.22
N VAL A 125 14.50 5.66 12.45
CA VAL A 125 13.71 6.54 13.30
C VAL A 125 14.61 6.88 14.47
N ALA A 126 15.00 8.15 14.58
CA ALA A 126 15.84 8.64 15.66
C ALA A 126 14.97 9.40 16.65
N ASN A 127 15.53 9.71 17.82
CA ASN A 127 14.89 10.70 18.68
C ASN A 127 15.72 11.97 18.69
N LYS A 128 15.01 13.10 18.74
CA LYS A 128 15.66 14.37 19.01
C LYS A 128 15.89 14.53 20.51
N GLY A 129 14.85 14.28 21.29
CA GLY A 129 14.92 14.39 22.73
C GLY A 129 13.54 14.77 23.26
N LEU A 130 13.53 15.46 24.40
CA LEU A 130 12.25 15.87 24.98
C LEU A 130 11.60 17.02 24.22
N ASP A 131 12.39 17.77 23.44
CA ASP A 131 11.93 18.99 22.77
C ASP A 131 12.69 19.11 21.47
N ASN A 132 12.35 20.16 20.70
CA ASN A 132 12.99 20.39 19.40
C ASN A 132 14.46 20.76 19.53
N GLN A 133 14.89 21.16 20.72
CA GLN A 133 16.28 21.53 20.97
C GLN A 133 17.16 20.33 21.28
N GLY A 134 16.57 19.16 21.50
CA GLY A 134 17.32 17.96 21.81
C GLY A 134 17.61 17.74 23.27
N THR A 135 16.88 18.39 24.17
CA THR A 135 17.13 18.20 25.59
C THR A 135 16.95 16.74 25.97
N HIS A 136 17.91 16.21 26.73
CA HIS A 136 17.88 14.82 27.18
C HIS A 136 17.75 13.83 26.03
N ASN A 137 18.47 14.10 24.94
CA ASN A 137 18.57 13.18 23.83
C ASN A 137 19.05 11.82 24.34
N VAL A 138 18.46 10.76 23.78
CA VAL A 138 18.90 9.40 24.04
C VAL A 138 19.75 8.97 22.84
N PRO A 139 21.02 8.60 23.04
CA PRO A 139 21.92 8.39 21.89
C PRO A 139 21.76 7.04 21.21
N HIS A 140 20.54 6.61 21.10
CA HIS A 140 20.18 5.38 20.46
C HIS A 140 18.92 5.64 19.61
N PRO A 141 19.00 5.17 18.31
CA PRO A 141 17.78 5.33 17.52
C PRO A 141 16.71 4.34 17.95
N LEU A 142 15.45 4.71 17.75
CA LEU A 142 14.36 3.82 17.98
C LEU A 142 14.44 2.63 17.03
N LEU A 143 14.73 2.94 15.77
CA LEU A 143 14.83 1.98 14.72
C LEU A 143 15.94 2.21 13.73
N ARG A 144 16.58 1.12 13.34
CA ARG A 144 17.48 1.11 12.24
C ARG A 144 17.05 -0.06 11.34
N VAL A 145 16.84 0.20 10.07
CA VAL A 145 16.54 -0.84 9.09
C VAL A 145 17.85 -1.00 8.36
N VAL A 146 18.38 -2.20 8.39
CA VAL A 146 19.69 -2.49 7.83
C VAL A 146 19.78 -3.70 6.93
N TRP A 147 20.82 -3.73 6.15
CA TRP A 147 21.25 -4.89 5.40
C TRP A 147 22.44 -5.34 6.27
N LYS A 148 22.48 -6.60 6.66
CA LYS A 148 23.52 -7.14 7.54
C LYS A 148 24.20 -8.31 6.86
N GLU A 149 25.52 -8.30 6.81
CA GLU A 149 26.24 -9.37 6.18
C GLU A 149 25.98 -10.75 6.78
N ASP A 150 26.07 -10.85 8.09
CA ASP A 150 25.94 -12.12 8.76
C ASP A 150 25.47 -11.94 10.19
N ALA A 151 24.30 -12.44 10.49
CA ALA A 151 23.80 -12.40 11.82
C ALA A 151 23.58 -13.84 12.29
N ASN A 152 24.49 -14.38 13.09
CA ASN A 152 24.37 -15.77 13.62
C ASN A 152 24.16 -16.76 12.48
N SER A 153 24.95 -16.63 11.42
CA SER A 153 24.90 -17.42 10.18
C SER A 153 23.75 -17.16 9.23
N VAL A 154 22.93 -16.19 9.55
CA VAL A 154 21.87 -15.74 8.64
C VAL A 154 22.45 -14.58 7.83
N LYS A 155 22.67 -14.80 6.54
CA LYS A 155 23.48 -13.93 5.71
C LYS A 155 22.64 -13.11 4.74
N GLY A 156 22.95 -11.81 4.66
CA GLY A 156 22.34 -10.98 3.64
C GLY A 156 20.86 -10.73 3.82
N HIS A 157 20.38 -10.68 5.07
CA HIS A 157 19.00 -10.29 5.31
C HIS A 157 18.89 -8.81 5.66
N PHE A 158 17.68 -8.29 5.46
CA PHE A 158 17.26 -7.03 6.06
C PHE A 158 16.79 -7.28 7.48
N TRP A 159 17.07 -6.34 8.38
CA TRP A 159 16.66 -6.44 9.78
C TRP A 159 16.14 -5.11 10.26
N ALA A 160 15.17 -5.17 11.18
CA ALA A 160 14.78 -4.00 11.96
C ALA A 160 15.40 -4.16 13.34
N MET A 161 16.30 -3.25 13.69
CA MET A 161 16.92 -3.20 15.00
C MET A 161 16.16 -2.17 15.82
N VAL A 162 15.40 -2.62 16.81
CA VAL A 162 14.49 -1.76 17.56
C VAL A 162 14.99 -1.60 18.99
N LYS A 163 15.26 -0.36 19.39
CA LYS A 163 15.58 -0.07 20.77
C LYS A 163 14.32 -0.22 21.61
N ASN A 164 14.39 -1.06 22.66
CA ASN A 164 13.21 -1.58 23.35
C ASN A 164 13.02 -0.99 24.74
N ASN A 165 13.72 0.09 25.04
CA ASN A 165 13.48 0.91 26.23
C ASN A 165 13.97 2.31 25.90
N ALA A 166 13.85 3.23 26.87
CA ALA A 166 14.30 4.60 26.66
C ALA A 166 15.55 4.93 27.49
N VAL A 167 16.37 3.93 27.75
CA VAL A 167 17.50 4.07 28.67
C VAL A 167 18.77 4.44 27.91
N ILE A 168 19.53 5.38 28.47
CA ILE A 168 20.84 5.71 27.90
C ILE A 168 21.84 4.67 28.37
N CYS A 169 22.40 3.91 27.42
CA CYS A 169 23.26 2.79 27.73
C CYS A 169 24.71 2.98 27.33
N LYS A 170 25.07 4.16 26.83
CA LYS A 170 26.45 4.42 26.46
C LYS A 170 26.73 5.91 26.58
N GLY A 171 28.02 6.26 26.50
CA GLY A 171 28.42 7.66 26.56
C GLY A 171 28.42 8.21 27.98
N SER A 172 28.70 9.51 28.06
CA SER A 172 28.87 10.14 29.37
C SER A 172 27.64 10.02 30.24
N PHE A 173 26.45 9.98 29.64
CA PHE A 173 25.22 9.87 30.41
C PHE A 173 24.73 8.44 30.60
N GLY A 174 25.51 7.44 30.17
CA GLY A 174 25.09 6.07 30.32
C GLY A 174 25.89 5.28 31.34
N LYS A 175 26.79 5.95 32.06
CA LYS A 175 27.73 5.21 32.90
C LYS A 175 27.01 4.46 34.01
N LYS A 176 25.93 5.03 34.56
CA LYS A 176 25.20 4.37 35.63
C LYS A 176 24.34 3.21 35.15
N ASN A 177 24.08 3.12 33.85
CA ASN A 177 23.20 2.09 33.32
C ASN A 177 23.92 1.03 32.50
N LYS A 178 25.13 1.33 32.00
CA LYS A 178 25.72 0.54 30.92
C LYS A 178 25.97 -0.91 31.29
N ASP A 179 26.18 -1.21 32.56
CA ASP A 179 26.45 -2.58 32.98
C ASP A 179 25.23 -3.27 33.58
N LYS A 180 24.06 -2.64 33.53
CA LYS A 180 22.84 -3.23 34.07
C LYS A 180 22.17 -4.11 33.03
N GLU A 181 21.28 -4.98 33.53
CA GLU A 181 20.56 -5.91 32.66
C GLU A 181 19.81 -5.16 31.57
N MET A 182 19.20 -4.03 31.89
CA MET A 182 18.39 -3.28 30.93
C MET A 182 19.20 -2.75 29.75
N CYS A 183 20.53 -2.75 29.86
CA CYS A 183 21.40 -2.31 28.77
C CYS A 183 22.07 -3.45 28.03
N LYS A 184 21.84 -4.69 28.43
CA LYS A 184 22.41 -5.80 27.68
C LYS A 184 21.80 -5.83 26.29
N ALA A 185 22.60 -6.20 25.32
CA ALA A 185 22.17 -6.20 23.94
C ALA A 185 20.89 -6.93 23.67
N ASP A 186 20.68 -8.03 24.35
CA ASP A 186 19.51 -8.85 24.18
C ASP A 186 18.26 -8.35 24.89
N VAL A 187 18.40 -7.33 25.71
CA VAL A 187 17.30 -6.73 26.42
C VAL A 187 16.99 -5.34 25.87
N ALA A 188 18.02 -4.58 25.59
CA ALA A 188 17.86 -3.22 25.11
C ALA A 188 17.33 -3.14 23.69
N TYR A 189 17.49 -4.22 22.95
CA TYR A 189 17.05 -4.28 21.58
C TYR A 189 16.22 -5.50 21.26
N LYS A 190 15.27 -5.31 20.37
CA LYS A 190 14.52 -6.39 19.74
C LYS A 190 14.84 -6.35 18.24
N LYS A 191 15.16 -7.51 17.67
CA LYS A 191 15.58 -7.61 16.29
C LYS A 191 14.54 -8.39 15.51
N TYR A 192 14.11 -7.86 14.38
CA TYR A 192 13.12 -8.52 13.54
C TYR A 192 13.75 -8.82 12.19
N ASP A 193 13.56 -10.04 11.73
CA ASP A 193 14.05 -10.48 10.42
C ASP A 193 13.06 -9.99 9.36
N LEU A 194 13.54 -9.11 8.49
CA LEU A 194 12.69 -8.59 7.43
C LEU A 194 12.87 -9.34 6.12
N GLY A 195 13.64 -10.43 6.13
CA GLY A 195 13.74 -11.30 4.99
C GLY A 195 15.07 -11.18 4.26
N LYS A 196 15.39 -12.19 3.47
CA LYS A 196 16.58 -12.19 2.67
C LYS A 196 16.48 -11.06 1.64
N ALA A 197 17.51 -10.29 1.48
CA ALA A 197 17.49 -9.21 0.51
C ALA A 197 17.57 -9.81 -0.88
N PRO A 198 16.72 -9.36 -1.80
CA PRO A 198 16.73 -9.98 -3.12
C PRO A 198 17.78 -9.46 -4.02
N LEU A 199 18.01 -10.23 -5.08
CA LEU A 199 18.99 -9.88 -6.07
C LEU A 199 18.33 -9.04 -7.14
N ASN A 200 18.90 -7.92 -7.43
CA ASN A 200 18.45 -7.03 -8.49
C ASN A 200 17.00 -6.70 -8.47
N LYS A 201 16.52 -6.33 -7.29
CA LYS A 201 15.09 -6.07 -7.13
C LYS A 201 14.93 -5.13 -5.94
N ALA A 202 14.00 -4.19 -6.06
CA ALA A 202 13.68 -3.30 -4.97
C ALA A 202 12.74 -3.98 -3.97
N THR A 203 12.81 -3.54 -2.72
CA THR A 203 11.93 -4.01 -1.66
C THR A 203 11.23 -2.79 -1.07
N ALA A 204 9.93 -2.89 -0.87
CA ALA A 204 9.15 -1.80 -0.29
C ALA A 204 9.17 -1.88 1.23
N PHE A 205 9.41 -0.74 1.87
CA PHE A 205 9.35 -0.60 3.31
C PHE A 205 8.42 0.55 3.64
N ASP A 206 7.43 0.31 4.49
CA ASP A 206 6.55 1.36 4.97
C ASP A 206 6.62 1.37 6.49
N ILE A 207 7.10 2.48 7.05
CA ILE A 207 7.27 2.62 8.50
C ILE A 207 6.25 3.63 8.97
N THR A 208 5.40 3.24 9.92
CA THR A 208 4.40 4.13 10.50
C THR A 208 4.65 4.25 11.99
N VAL A 209 4.82 5.48 12.46
CA VAL A 209 5.09 5.74 13.87
C VAL A 209 3.98 6.63 14.41
N GLY A 210 3.44 6.26 15.55
CA GLY A 210 2.36 7.02 16.16
C GLY A 210 1.43 6.08 16.90
N ASN A 211 0.55 6.67 17.71
CA ASN A 211 -0.38 5.87 18.51
C ASN A 211 0.33 4.78 19.32
N LYS A 212 1.52 5.11 19.83
CA LYS A 212 2.31 4.22 20.68
C LYS A 212 2.69 2.92 19.96
N GLN A 213 2.80 2.98 18.62
CA GLN A 213 3.18 1.82 17.83
C GLN A 213 4.25 2.20 16.82
N LEU A 214 5.16 1.26 16.58
CA LEU A 214 6.08 1.26 15.47
C LEU A 214 5.66 0.11 14.56
N ILE A 215 5.22 0.43 13.36
CA ILE A 215 4.75 -0.54 12.40
C ILE A 215 5.68 -0.54 11.21
N ILE A 216 6.08 -1.73 10.75
CA ILE A 216 6.87 -1.87 9.52
C ILE A 216 6.19 -2.89 8.64
N ASP A 217 5.81 -2.46 7.44
CA ASP A 217 5.37 -3.35 6.38
C ASP A 217 6.49 -3.52 5.35
N VAL A 218 6.70 -4.76 4.92
CA VAL A 218 7.73 -5.09 3.95
C VAL A 218 7.03 -5.71 2.75
N ASP A 219 7.16 -5.07 1.59
CA ASP A 219 6.38 -5.45 0.40
C ASP A 219 4.89 -5.56 0.72
N GLY A 220 4.42 -4.66 1.60
CA GLY A 220 3.03 -4.61 2.01
C GLY A 220 2.69 -5.43 3.24
N LYS A 221 3.48 -6.45 3.55
CA LYS A 221 3.17 -7.38 4.62
C LYS A 221 3.61 -6.83 5.97
N ARG A 222 2.71 -6.89 6.95
N ARG A 222 2.71 -6.88 6.95
CA ARG A 222 3.00 -6.39 8.29
CA ARG A 222 3.04 -6.33 8.27
C ARG A 222 3.95 -7.35 8.99
C ARG A 222 3.94 -7.31 9.01
N LEU A 223 5.21 -6.95 9.16
CA LEU A 223 6.20 -7.77 9.85
C LEU A 223 6.52 -7.27 11.24
N VAL A 224 6.28 -6.00 11.53
CA VAL A 224 6.57 -5.43 12.85
C VAL A 224 5.36 -4.62 13.29
N GLU A 225 4.85 -4.91 14.47
CA GLU A 225 3.82 -4.10 15.12
C GLU A 225 4.22 -4.05 16.59
N HIS A 226 5.07 -3.10 16.91
CA HIS A 226 5.74 -3.01 18.19
C HIS A 226 5.23 -1.87 19.06
N ASP A 227 4.88 -2.20 20.29
CA ASP A 227 4.41 -1.25 21.28
C ASP A 227 5.59 -0.38 21.72
N ILE A 228 5.45 0.91 21.54
CA ILE A 228 6.48 1.86 21.91
C ILE A 228 6.04 2.87 22.94
N ASP A 229 5.19 2.43 23.86
CA ASP A 229 4.74 3.26 25.00
C ASP A 229 5.95 3.82 25.80
N TYR A 230 6.97 3.01 25.96
CA TYR A 230 8.20 3.41 26.63
C TYR A 230 8.93 4.62 26.03
N TRP A 231 8.71 4.92 24.76
CA TRP A 231 9.32 6.00 24.02
C TRP A 231 8.47 7.27 23.96
N ARG A 232 7.36 7.27 24.67
CA ARG A 232 6.38 8.31 24.51
C ARG A 232 6.81 9.73 24.68
N HIS A 233 7.79 9.95 25.54
CA HIS A 233 8.27 11.30 25.82
C HIS A 233 9.25 11.82 24.78
N LEU A 234 9.71 10.98 23.87
CA LEU A 234 10.79 11.35 22.95
C LEU A 234 10.25 11.75 21.59
N LEU A 235 10.46 13.01 21.23
CA LEU A 235 10.16 13.47 19.88
C LEU A 235 11.13 12.80 18.91
N SER A 236 10.60 12.31 17.80
CA SER A 236 11.33 11.39 16.94
C SER A 236 11.29 11.88 15.50
N TYR A 237 12.15 11.31 14.66
CA TYR A 237 12.25 11.81 13.29
C TYR A 237 12.80 10.72 12.37
N PHE A 238 12.50 10.86 11.08
CA PHE A 238 12.93 9.93 10.06
C PHE A 238 14.22 10.36 9.37
N LYS A 239 15.04 9.36 9.01
CA LYS A 239 16.16 9.53 8.09
C LYS A 239 16.13 8.40 7.08
N ALA A 240 16.61 8.69 5.87
CA ALA A 240 16.76 7.69 4.82
C ALA A 240 18.00 7.99 4.01
N GLY A 241 18.72 6.94 3.62
CA GLY A 241 19.90 7.08 2.79
C GLY A 241 20.83 5.92 3.03
N VAL A 242 22.11 6.20 3.30
CA VAL A 242 23.05 5.17 3.73
C VAL A 242 23.86 5.67 4.91
N ALA A 243 24.12 4.77 5.86
CA ALA A 243 25.05 5.02 6.94
C ALA A 243 25.87 3.76 7.11
N ASN A 244 27.19 3.90 7.13
CA ASN A 244 28.09 2.76 7.01
C ASN A 244 28.53 2.26 8.38
N GLN A 245 28.24 0.98 8.66
CA GLN A 245 28.84 0.29 9.79
C GLN A 245 29.71 -0.85 9.25
N PHE A 246 30.72 -0.49 8.47
CA PHE A 246 31.68 -1.41 7.85
C PHE A 246 32.83 -0.57 7.33
N THR A 247 33.99 -1.18 7.13
CA THR A 247 35.18 -0.40 6.79
C THR A 247 35.61 -0.59 5.34
N ASN A 248 36.27 0.45 4.81
CA ASN A 248 37.09 0.38 3.60
C ASN A 248 36.29 0.15 2.32
N GLY A 249 35.01 0.52 2.29
CA GLY A 249 34.22 0.31 1.09
C GLY A 249 33.12 1.32 0.93
N MET A 250 32.39 1.17 -0.18
CA MET A 250 31.37 2.13 -0.60
C MET A 250 30.02 1.44 -0.57
N SER A 251 29.07 2.04 0.17
CA SER A 251 27.69 1.57 0.11
C SER A 251 26.95 2.30 -1.00
N GLU A 252 25.88 1.68 -1.48
CA GLU A 252 25.08 2.28 -2.55
C GLU A 252 23.66 1.76 -2.43
N ALA A 253 22.71 2.69 -2.24
CA ALA A 253 21.30 2.36 -2.16
C ALA A 253 20.56 3.13 -3.24
N HIS A 254 19.66 2.45 -3.92
CA HIS A 254 18.83 3.03 -4.96
C HIS A 254 17.39 3.02 -4.47
N PHE A 255 16.82 4.22 -4.32
CA PHE A 255 15.44 4.38 -3.88
C PHE A 255 14.56 4.68 -5.10
N ASN A 256 13.76 3.71 -5.52
CA ASN A 256 12.76 3.96 -6.55
C ASN A 256 11.63 4.84 -6.04
N LYS A 257 11.41 4.84 -4.72
CA LYS A 257 10.36 5.63 -4.09
C LYS A 257 10.89 6.11 -2.75
N LEU A 258 10.58 7.36 -2.40
CA LEU A 258 10.86 7.87 -1.06
C LEU A 258 9.82 8.93 -0.78
N GLU A 259 8.95 8.65 0.19
CA GLU A 259 7.83 9.54 0.51
C GLU A 259 7.72 9.68 2.01
N TYR A 260 7.27 10.86 2.43
CA TYR A 260 6.95 11.15 3.82
C TYR A 260 5.55 11.75 3.88
N LYS A 261 4.74 11.27 4.81
CA LYS A 261 3.41 11.77 5.00
C LYS A 261 3.00 11.82 6.46
N ALA A 262 2.51 12.96 6.91
CA ALA A 262 1.97 13.09 8.23
C ALA A 262 0.46 12.97 8.12
N LEU A 263 -0.12 12.13 8.93
CA LEU A 263 -1.56 11.95 8.94
C LEU A 263 -2.05 12.42 10.29
N GLU A 264 -2.38 13.70 10.36
CA GLU A 264 -2.83 14.37 11.55
C GLU A 264 -4.30 14.74 11.44
N THR A 265 -5.07 14.19 12.34
CA THR A 265 -6.50 14.43 12.35
C THR A 265 -7.02 14.83 13.72
N LYS A 266 -8.30 15.20 13.72
CA LYS A 266 -9.17 15.47 14.90
C LYS A 266 -10.50 15.86 14.34
N ASN B 1 -2.14 -15.39 6.07
CA ASN B 1 -3.24 -16.31 5.96
C ASN B 1 -4.52 -15.69 6.45
N VAL B 2 -5.56 -15.71 5.62
CA VAL B 2 -6.84 -15.15 6.04
C VAL B 2 -7.49 -16.16 6.99
N GLN B 3 -8.09 -15.65 8.05
CA GLN B 3 -8.71 -16.47 9.08
C GLN B 3 -10.22 -16.39 9.16
N PHE B 4 -10.83 -17.39 9.79
CA PHE B 4 -12.27 -17.43 9.97
C PHE B 4 -12.58 -17.60 11.44
N SER B 5 -13.59 -16.87 11.91
CA SER B 5 -14.03 -16.90 13.30
C SER B 5 -15.30 -16.11 13.39
N ASN B 6 -16.33 -16.63 14.05
CA ASN B 6 -17.57 -15.86 14.25
C ASN B 6 -17.58 -15.05 15.54
N GLN B 7 -16.40 -14.82 16.09
CA GLN B 7 -16.21 -14.06 17.31
C GLN B 7 -17.18 -14.46 18.39
N ASP B 8 -17.11 -15.74 18.66
CA ASP B 8 -17.92 -16.40 19.62
C ASP B 8 -19.39 -16.16 19.46
N GLY B 9 -19.86 -16.26 18.23
CA GLY B 9 -21.26 -16.07 17.97
C GLY B 9 -21.66 -14.65 17.71
N ALA B 10 -20.74 -13.72 17.80
CA ALA B 10 -21.16 -12.35 17.53
C ALA B 10 -21.51 -12.15 16.05
N LEU B 11 -20.77 -12.81 15.16
CA LEU B 11 -20.89 -12.59 13.72
C LEU B 11 -21.72 -13.70 13.10
N GLY B 12 -22.69 -13.32 12.28
CA GLY B 12 -23.45 -14.32 11.55
C GLY B 12 -22.64 -14.91 10.41
N GLU B 13 -22.82 -16.21 10.18
CA GLU B 13 -22.15 -16.88 9.06
C GLU B 13 -23.00 -16.74 7.82
N PRO B 14 -22.47 -16.17 6.72
CA PRO B 14 -23.31 -15.93 5.53
C PRO B 14 -24.06 -17.14 5.02
N ALA B 15 -23.45 -18.32 5.06
CA ALA B 15 -24.13 -19.52 4.57
C ALA B 15 -25.35 -19.90 5.42
N ASN B 16 -25.54 -19.29 6.57
CA ASN B 16 -26.71 -19.58 7.40
C ASN B 16 -27.91 -18.71 7.08
N TYR B 17 -27.83 -17.83 6.08
CA TYR B 17 -28.91 -16.91 5.77
C TYR B 17 -29.50 -17.24 4.41
N THR B 18 -30.77 -17.62 4.39
CA THR B 18 -31.38 -18.14 3.18
C THR B 18 -31.32 -17.15 2.03
N GLN B 19 -31.38 -15.84 2.33
CA GLN B 19 -31.43 -14.86 1.25
C GLN B 19 -30.12 -14.78 0.49
N PHE B 20 -29.01 -15.25 1.08
CA PHE B 20 -27.71 -15.26 0.42
C PHE B 20 -27.27 -16.65 -0.03
N GLN B 21 -27.97 -17.70 0.36
CA GLN B 21 -27.45 -19.04 0.13
C GLN B 21 -27.23 -19.32 -1.34
N HIS B 22 -28.17 -18.92 -2.21
CA HIS B 22 -28.02 -19.30 -3.60
C HIS B 22 -26.81 -18.63 -4.25
N VAL B 23 -26.66 -17.31 -4.08
CA VAL B 23 -25.51 -16.68 -4.72
C VAL B 23 -24.21 -17.27 -4.19
N LEU B 24 -24.17 -17.61 -2.89
CA LEU B 24 -22.96 -18.19 -2.35
C LEU B 24 -22.64 -19.54 -3.01
N THR B 25 -23.62 -20.39 -3.24
CA THR B 25 -23.34 -21.68 -3.88
C THR B 25 -22.85 -21.55 -5.29
N GLU B 26 -23.11 -20.42 -5.88
CA GLU B 26 -22.72 -20.13 -7.25
C GLU B 26 -21.40 -19.39 -7.36
N SER B 27 -20.76 -19.19 -6.24
CA SER B 27 -19.55 -18.39 -6.17
C SER B 27 -18.43 -18.90 -5.33
N GLU B 28 -17.35 -18.14 -5.32
CA GLU B 28 -16.21 -18.34 -4.44
C GLU B 28 -15.90 -17.00 -3.79
N LEU B 29 -15.11 -16.99 -2.75
CA LEU B 29 -14.69 -15.77 -2.06
C LEU B 29 -13.24 -15.47 -2.44
N GLN B 30 -13.01 -14.26 -2.93
CA GLN B 30 -11.68 -13.81 -3.30
C GLN B 30 -11.37 -12.63 -2.39
N ILE B 31 -10.51 -12.85 -1.42
CA ILE B 31 -10.26 -11.87 -0.40
C ILE B 31 -8.79 -11.70 -0.06
N SER B 32 -8.38 -10.46 0.07
CA SER B 32 -7.04 -10.13 0.42
C SER B 32 -6.80 -10.31 1.91
N ASP B 33 -5.56 -10.60 2.25
CA ASP B 33 -5.10 -10.64 3.61
C ASP B 33 -4.74 -9.15 3.76
N ALA B 34 -5.49 -8.47 4.60
CA ALA B 34 -5.30 -7.03 4.77
C ALA B 34 -3.87 -6.69 5.15
N GLU B 35 -3.18 -7.60 5.85
CA GLU B 35 -1.81 -7.36 6.29
C GLU B 35 -0.79 -8.24 5.57
N GLY B 36 -1.16 -8.72 4.40
CA GLY B 36 -0.27 -9.47 3.60
C GLY B 36 0.37 -8.58 2.54
N LYS B 37 1.04 -9.17 1.62
CA LYS B 37 1.68 -8.44 0.54
C LYS B 37 0.76 -7.60 -0.32
N LYS B 38 1.34 -6.62 -0.99
CA LYS B 38 0.54 -5.74 -1.83
C LYS B 38 -0.21 -6.51 -2.89
N GLY B 39 -1.45 -6.10 -3.05
CA GLY B 39 -2.36 -6.69 -4.02
C GLY B 39 -2.64 -8.17 -3.85
N ASN B 40 -2.29 -8.76 -2.71
CA ASN B 40 -2.48 -10.18 -2.48
C ASN B 40 -3.94 -10.63 -2.52
N LYS B 41 -4.12 -11.92 -2.72
CA LYS B 41 -5.47 -12.49 -2.77
C LYS B 41 -5.54 -13.97 -2.44
N GLU B 42 -6.48 -14.34 -1.59
CA GLU B 42 -6.71 -15.70 -1.20
C GLU B 42 -8.10 -16.10 -1.65
N TYR B 43 -8.25 -17.37 -1.90
CA TYR B 43 -9.47 -17.94 -2.40
C TYR B 43 -10.08 -18.93 -1.45
N PHE B 44 -11.38 -18.87 -1.27
CA PHE B 44 -12.11 -19.77 -0.40
C PHE B 44 -13.41 -20.16 -1.09
N ALA B 45 -14.00 -21.26 -0.63
CA ALA B 45 -15.24 -21.76 -1.22
C ALA B 45 -15.11 -21.95 -2.73
N LEU B 46 -13.99 -22.51 -3.16
CA LEU B 46 -13.76 -22.75 -4.58
C LEU B 46 -14.88 -23.59 -5.19
N ASP B 47 -15.51 -24.44 -4.38
CA ASP B 47 -16.61 -25.29 -4.79
C ASP B 47 -17.99 -24.70 -4.49
N GLY B 48 -18.06 -23.44 -4.05
CA GLY B 48 -19.35 -22.89 -3.71
C GLY B 48 -19.87 -23.24 -2.34
N ASN B 49 -19.08 -23.94 -1.52
CA ASN B 49 -19.51 -24.29 -0.18
C ASN B 49 -18.93 -23.28 0.79
N PHE B 50 -19.79 -22.37 1.25
CA PHE B 50 -19.43 -21.34 2.20
C PHE B 50 -19.65 -21.76 3.65
N THR B 51 -20.00 -23.03 3.91
CA THR B 51 -20.20 -23.47 5.28
C THR B 51 -18.94 -23.18 6.09
N GLY B 52 -19.12 -22.47 7.22
CA GLY B 52 -18.01 -22.12 8.09
C GLY B 52 -17.20 -20.90 7.69
N ILE B 53 -17.47 -20.28 6.55
CA ILE B 53 -16.67 -19.17 6.06
C ILE B 53 -17.22 -17.88 6.66
N VAL B 54 -16.47 -17.30 7.59
CA VAL B 54 -16.88 -16.07 8.28
C VAL B 54 -15.65 -15.45 8.91
N ASN B 55 -15.59 -14.12 8.93
CA ASN B 55 -14.56 -13.43 9.70
C ASN B 55 -14.95 -11.97 9.84
N GLN B 56 -14.03 -11.20 10.46
CA GLN B 56 -14.29 -9.79 10.77
C GLN B 56 -14.56 -8.96 9.53
N TYR B 57 -14.09 -9.41 8.36
CA TYR B 57 -14.26 -8.66 7.12
C TYR B 57 -15.37 -9.22 6.23
N PHE B 58 -15.94 -10.36 6.56
CA PHE B 58 -16.93 -11.05 5.71
C PHE B 58 -17.87 -11.79 6.66
N TYR B 59 -19.05 -11.23 6.87
CA TYR B 59 -19.98 -11.81 7.83
C TYR B 59 -21.37 -11.27 7.56
N VAL B 60 -22.36 -11.83 8.24
CA VAL B 60 -23.70 -11.29 8.24
C VAL B 60 -23.95 -10.65 9.60
N ASP B 61 -24.41 -9.40 9.59
CA ASP B 61 -24.78 -8.73 10.81
C ASP B 61 -26.07 -9.36 11.35
N LYS B 62 -25.99 -9.90 12.57
CA LYS B 62 -27.13 -10.68 13.07
C LYS B 62 -28.38 -9.82 13.26
N LYS B 63 -28.21 -8.53 13.55
CA LYS B 63 -29.37 -7.70 13.79
C LYS B 63 -30.02 -7.24 12.49
N SER B 64 -29.22 -6.75 11.54
CA SER B 64 -29.77 -6.25 10.28
C SER B 64 -29.88 -7.33 9.21
N GLU B 65 -29.17 -8.45 9.38
CA GLU B 65 -29.04 -9.49 8.36
C GLU B 65 -28.40 -8.99 7.08
N ALA B 66 -27.63 -7.91 7.15
CA ALA B 66 -26.89 -7.48 5.99
C ALA B 66 -25.63 -8.31 5.84
N LEU B 67 -25.30 -8.64 4.59
CA LEU B 67 -24.01 -9.25 4.28
C LEU B 67 -22.97 -8.14 4.22
N VAL B 68 -21.97 -8.21 5.09
CA VAL B 68 -21.00 -7.13 5.28
C VAL B 68 -19.67 -7.53 4.66
N PHE B 69 -19.14 -6.66 3.80
CA PHE B 69 -17.79 -6.78 3.26
C PHE B 69 -16.98 -5.59 3.74
N LYS B 70 -15.78 -5.84 4.25
CA LYS B 70 -14.83 -4.79 4.60
C LYS B 70 -13.46 -5.12 4.03
N MET B 71 -12.66 -4.09 3.78
CA MET B 71 -11.26 -4.27 3.45
C MET B 71 -10.50 -2.97 3.66
N LYS B 72 -9.27 -3.07 4.09
CA LYS B 72 -8.37 -1.94 4.23
C LYS B 72 -7.24 -1.98 3.24
N ASN B 73 -6.71 -0.80 2.95
CA ASN B 73 -5.58 -0.58 2.08
C ASN B 73 -5.89 -0.49 0.61
N ASP B 74 -5.10 0.29 -0.07
CA ASP B 74 -5.26 0.54 -1.46
C ASP B 74 -5.05 -0.72 -2.26
N HIS B 75 -5.93 -0.94 -3.23
CA HIS B 75 -5.84 -2.04 -4.18
C HIS B 75 -6.15 -3.41 -3.58
N LEU B 76 -6.56 -3.47 -2.32
CA LEU B 76 -6.99 -4.75 -1.76
C LEU B 76 -8.50 -4.91 -1.94
N ARG B 77 -8.95 -6.16 -1.89
CA ARG B 77 -10.33 -6.43 -2.25
C ARG B 77 -10.90 -7.55 -1.40
N ASN B 78 -12.23 -7.65 -1.45
CA ASN B 78 -12.98 -8.65 -0.69
C ASN B 78 -14.30 -8.84 -1.44
N GLU B 79 -14.38 -9.90 -2.24
CA GLU B 79 -15.48 -10.02 -3.19
C GLU B 79 -15.95 -11.45 -3.32
N VAL B 80 -17.25 -11.62 -3.47
N VAL B 80 -17.24 -11.63 -3.45
CA VAL B 80 -17.81 -12.87 -3.96
CA VAL B 80 -17.75 -12.85 -3.98
C VAL B 80 -17.74 -12.84 -5.48
C VAL B 80 -17.67 -12.83 -5.49
N ARG B 81 -17.20 -13.91 -6.07
CA ARG B 81 -16.97 -14.03 -7.50
C ARG B 81 -17.87 -15.14 -8.01
N VAL B 82 -18.90 -14.77 -8.76
CA VAL B 82 -19.84 -15.77 -9.30
C VAL B 82 -19.12 -16.59 -10.37
N HIS B 83 -19.23 -17.91 -10.27
CA HIS B 83 -18.36 -18.80 -11.05
C HIS B 83 -18.62 -18.79 -12.55
N LYS B 84 -19.86 -18.56 -12.98
CA LYS B 84 -20.17 -18.67 -14.40
C LYS B 84 -19.41 -17.63 -15.22
N ASN B 85 -18.67 -18.09 -16.21
CA ASN B 85 -18.07 -17.20 -17.23
C ASN B 85 -19.01 -17.23 -18.42
N PHE B 86 -19.84 -16.21 -18.52
CA PHE B 86 -20.95 -16.23 -19.47
C PHE B 86 -20.66 -15.45 -20.74
N ARG B 87 -21.32 -15.85 -21.81
CA ARG B 87 -21.36 -15.04 -23.01
C ARG B 87 -22.30 -13.85 -22.80
N THR B 88 -21.93 -12.72 -23.39
CA THR B 88 -22.70 -11.49 -23.21
C THR B 88 -23.48 -11.13 -24.46
N ASP B 89 -23.35 -11.93 -25.53
CA ASP B 89 -23.78 -11.53 -26.87
C ASP B 89 -24.98 -12.31 -27.39
N LEU B 90 -25.55 -13.22 -26.59
CA LEU B 90 -26.57 -14.08 -27.19
C LEU B 90 -27.97 -13.67 -26.75
N PRO B 91 -28.96 -13.79 -27.64
CA PRO B 91 -30.30 -13.27 -27.31
C PRO B 91 -31.04 -14.13 -26.32
N ASN B 92 -30.67 -15.39 -26.17
CA ASN B 92 -31.38 -16.33 -25.32
C ASN B 92 -30.63 -16.64 -24.03
N LYS B 93 -29.63 -15.84 -23.66
CA LYS B 93 -28.88 -16.06 -22.44
C LYS B 93 -28.67 -14.72 -21.75
N LEU B 94 -29.34 -14.51 -20.62
CA LEU B 94 -29.31 -13.26 -19.89
C LEU B 94 -28.91 -13.56 -18.45
N TYR B 95 -27.99 -12.78 -17.90
CA TYR B 95 -27.41 -13.02 -16.59
C TYR B 95 -27.60 -11.78 -15.73
N THR B 96 -28.17 -11.95 -14.55
CA THR B 96 -28.58 -10.83 -13.72
C THR B 96 -27.97 -10.91 -12.33
N LEU B 97 -27.38 -9.82 -11.88
CA LEU B 97 -26.91 -9.66 -10.52
C LEU B 97 -27.75 -8.57 -9.89
N SER B 98 -28.38 -8.89 -8.79
CA SER B 98 -29.23 -7.96 -8.08
C SER B 98 -28.73 -7.74 -6.69
N ALA B 99 -28.60 -6.48 -6.32
CA ALA B 99 -28.14 -6.13 -5.03
C ALA B 99 -28.85 -4.93 -4.43
N GLU B 100 -28.81 -4.85 -3.10
CA GLU B 100 -29.26 -3.67 -2.36
C GLU B 100 -28.07 -3.38 -1.46
N VAL B 101 -27.47 -2.21 -1.62
CA VAL B 101 -26.26 -1.86 -0.95
C VAL B 101 -26.25 -0.49 -0.29
N GLU B 102 -25.54 -0.44 0.83
CA GLU B 102 -25.25 0.78 1.55
C GLU B 102 -23.75 0.84 1.83
N ILE B 103 -23.11 1.90 1.43
CA ILE B 103 -21.70 2.11 1.72
C ILE B 103 -21.60 2.90 3.01
N ILE B 104 -20.82 2.40 3.96
CA ILE B 104 -20.79 2.92 5.32
C ILE B 104 -19.67 3.94 5.45
N ASP B 105 -20.03 5.19 5.81
CA ASP B 105 -19.09 6.26 6.10
C ASP B 105 -17.96 6.33 5.09
N PRO B 106 -18.26 6.43 3.79
CA PRO B 106 -17.17 6.45 2.81
C PRO B 106 -16.30 7.70 2.87
N VAL B 107 -16.85 8.85 3.25
CA VAL B 107 -15.98 10.01 3.40
C VAL B 107 -14.95 9.76 4.49
N ALA B 108 -15.37 9.16 5.61
CA ALA B 108 -14.42 8.81 6.65
C ALA B 108 -13.39 7.79 6.14
N SER B 109 -13.83 6.79 5.37
CA SER B 109 -12.90 5.81 4.81
C SER B 109 -11.73 6.48 4.12
N MET B 110 -12.00 7.54 3.40
CA MET B 110 -11.04 8.23 2.59
C MET B 110 -10.27 9.43 3.21
N LYS B 111 -10.49 9.69 4.48
CA LYS B 111 -9.88 10.80 5.25
C LYS B 111 -8.43 11.02 5.03
N ASN B 112 -7.69 9.95 5.09
CA ASN B 112 -6.27 10.03 4.96
C ASN B 112 -5.76 9.60 3.61
N SER B 113 -6.63 9.55 2.61
CA SER B 113 -6.17 9.15 1.29
C SER B 113 -5.55 10.22 0.46
N ASN B 114 -4.53 9.87 -0.25
CA ASN B 114 -3.96 10.74 -1.27
C ASN B 114 -4.12 10.16 -2.66
N SER B 115 -5.04 9.22 -2.83
CA SER B 115 -5.32 8.67 -4.16
C SER B 115 -5.96 9.74 -5.03
N LYS B 116 -5.59 9.73 -6.32
CA LYS B 116 -6.26 10.57 -7.29
C LYS B 116 -7.62 10.01 -7.69
N GLN B 117 -7.87 8.74 -7.39
CA GLN B 117 -9.10 8.07 -7.79
C GLN B 117 -10.19 8.18 -6.71
N ASN B 118 -9.88 7.75 -5.48
CA ASN B 118 -10.82 7.84 -4.37
C ASN B 118 -12.18 7.26 -4.72
N GLU B 119 -12.17 5.96 -5.02
CA GLU B 119 -13.36 5.18 -5.34
C GLU B 119 -13.40 3.92 -4.49
N ILE B 120 -14.60 3.44 -4.21
CA ILE B 120 -14.85 2.09 -3.70
C ILE B 120 -15.70 1.38 -4.75
N THR B 121 -15.20 0.27 -5.29
CA THR B 121 -15.93 -0.52 -6.26
C THR B 121 -16.65 -1.63 -5.53
N PHE B 122 -17.96 -1.75 -5.74
CA PHE B 122 -18.74 -2.76 -5.02
C PHE B 122 -19.55 -3.70 -5.90
N LEU B 123 -19.68 -3.43 -7.19
CA LEU B 123 -20.21 -4.40 -8.14
C LEU B 123 -19.36 -4.32 -9.39
N GLN B 124 -19.13 -5.47 -10.05
CA GLN B 124 -18.28 -5.48 -11.22
CA GLN B 124 -18.27 -5.48 -11.22
C GLN B 124 -18.74 -6.54 -12.20
N VAL B 125 -18.56 -6.26 -13.49
CA VAL B 125 -18.58 -7.27 -14.53
C VAL B 125 -17.17 -7.28 -15.09
N ALA B 126 -16.47 -8.40 -14.92
CA ALA B 126 -15.12 -8.59 -15.43
C ALA B 126 -15.17 -9.49 -16.65
N ASN B 127 -14.06 -9.56 -17.39
CA ASN B 127 -13.92 -10.61 -18.38
C ASN B 127 -12.89 -11.62 -17.91
N LYS B 128 -13.17 -12.88 -18.20
CA LYS B 128 -12.16 -13.92 -18.04
C LYS B 128 -11.22 -13.89 -19.22
N GLY B 129 -11.76 -13.87 -20.44
CA GLY B 129 -10.99 -13.87 -21.67
C GLY B 129 -11.79 -14.57 -22.76
N LEU B 130 -11.07 -15.15 -23.73
CA LEU B 130 -11.77 -15.84 -24.81
C LEU B 130 -12.35 -17.18 -24.37
N ASP B 131 -11.84 -17.75 -23.26
CA ASP B 131 -12.21 -19.09 -22.82
C ASP B 131 -12.18 -19.11 -21.29
N ASN B 132 -12.56 -20.25 -20.71
CA ASN B 132 -12.60 -20.37 -19.25
C ASN B 132 -11.22 -20.36 -18.62
N GLN B 133 -10.17 -20.54 -19.42
CA GLN B 133 -8.79 -20.51 -18.94
C GLN B 133 -8.22 -19.10 -18.89
N GLY B 134 -8.91 -18.11 -19.43
CA GLY B 134 -8.41 -16.75 -19.41
C GLY B 134 -7.52 -16.36 -20.57
N THR B 135 -7.55 -17.10 -21.67
CA THR B 135 -6.72 -16.77 -22.82
C THR B 135 -7.07 -15.37 -23.34
N HIS B 136 -6.04 -14.56 -23.58
CA HIS B 136 -6.24 -13.21 -24.10
C HIS B 136 -7.17 -12.38 -23.22
N ASN B 137 -7.01 -12.52 -21.91
CA ASN B 137 -7.71 -11.67 -20.96
C ASN B 137 -7.46 -10.20 -21.26
N VAL B 138 -8.50 -9.39 -21.13
CA VAL B 138 -8.37 -7.93 -21.23
C VAL B 138 -8.35 -7.38 -19.81
N PRO B 139 -7.29 -6.65 -19.40
CA PRO B 139 -7.13 -6.31 -17.97
C PRO B 139 -7.93 -5.09 -17.55
N HIS B 140 -9.17 -4.99 -18.04
CA HIS B 140 -10.08 -3.89 -17.75
C HIS B 140 -11.42 -4.57 -17.56
N PRO B 141 -12.16 -4.26 -16.48
CA PRO B 141 -13.52 -4.80 -16.36
C PRO B 141 -14.46 -4.09 -17.31
N LEU B 142 -15.50 -4.82 -17.74
CA LEU B 142 -16.55 -4.19 -18.52
C LEU B 142 -17.24 -3.10 -17.71
N LEU B 143 -17.52 -3.37 -16.44
CA LEU B 143 -18.28 -2.45 -15.59
C LEU B 143 -17.68 -2.45 -14.19
N ARG B 144 -17.58 -1.27 -13.63
CA ARG B 144 -17.36 -1.07 -12.24
C ARG B 144 -18.49 -0.12 -11.72
N VAL B 145 -19.20 -0.54 -10.69
CA VAL B 145 -20.17 0.28 -10.03
C VAL B 145 -19.44 0.75 -8.77
N VAL B 146 -19.30 2.05 -8.65
CA VAL B 146 -18.54 2.66 -7.59
C VAL B 146 -19.22 3.77 -6.83
N TRP B 147 -18.66 4.04 -5.66
CA TRP B 147 -18.99 5.21 -4.87
C TRP B 147 -17.74 6.03 -5.11
N LYS B 148 -17.90 7.28 -5.51
CA LYS B 148 -16.76 8.12 -5.85
C LYS B 148 -16.80 9.40 -5.03
N GLU B 149 -15.66 9.76 -4.44
CA GLU B 149 -15.65 10.91 -3.53
C GLU B 149 -15.95 12.20 -4.28
N ASP B 150 -15.28 12.44 -5.41
CA ASP B 150 -15.38 13.74 -6.09
C ASP B 150 -15.06 13.54 -7.56
N ALA B 151 -16.08 13.67 -8.41
CA ALA B 151 -15.92 13.60 -9.86
C ALA B 151 -16.21 15.00 -10.39
N ASN B 152 -15.15 15.73 -10.71
CA ASN B 152 -15.20 17.13 -11.14
C ASN B 152 -16.30 17.92 -10.42
N SER B 153 -16.18 17.91 -9.09
CA SER B 153 -17.02 18.65 -8.15
C SER B 153 -18.34 17.97 -7.83
N VAL B 154 -18.66 16.83 -8.45
CA VAL B 154 -19.87 16.08 -8.12
C VAL B 154 -19.47 15.06 -7.06
N LYS B 155 -19.96 15.24 -5.84
CA LYS B 155 -19.41 14.54 -4.68
C LYS B 155 -20.34 13.46 -4.16
N GLY B 156 -19.78 12.28 -3.88
CA GLY B 156 -20.54 11.25 -3.22
C GLY B 156 -21.64 10.62 -4.06
N HIS B 157 -21.44 10.52 -5.37
CA HIS B 157 -22.39 9.81 -6.21
C HIS B 157 -21.93 8.39 -6.48
N PHE B 158 -22.90 7.55 -6.81
CA PHE B 158 -22.64 6.27 -7.45
C PHE B 158 -22.44 6.48 -8.94
N TRP B 159 -21.54 5.72 -9.54
CA TRP B 159 -21.27 5.81 -10.97
C TRP B 159 -21.11 4.41 -11.54
N ALA B 160 -21.50 4.27 -12.80
CA ALA B 160 -21.13 3.09 -13.60
C ALA B 160 -20.00 3.49 -14.55
N MET B 161 -18.84 2.88 -14.37
CA MET B 161 -17.69 3.10 -15.23
C MET B 161 -17.67 1.95 -16.22
N VAL B 162 -17.95 2.23 -17.48
CA VAL B 162 -18.13 1.20 -18.50
C VAL B 162 -17.00 1.26 -19.50
N LYS B 163 -16.25 0.18 -19.61
CA LYS B 163 -15.23 0.07 -20.65
C LYS B 163 -15.95 -0.05 -21.99
N ASN B 164 -15.62 0.83 -22.94
CA ASN B 164 -16.41 1.03 -24.16
C ASN B 164 -15.72 0.51 -25.42
N ASN B 165 -14.71 -0.33 -25.28
CA ASN B 165 -14.14 -1.10 -26.38
C ASN B 165 -13.49 -2.33 -25.76
N ALA B 166 -12.88 -3.18 -26.58
CA ALA B 166 -12.24 -4.40 -26.08
C ALA B 166 -10.73 -4.32 -26.18
N VAL B 167 -10.16 -3.09 -26.11
CA VAL B 167 -8.75 -2.86 -26.37
C VAL B 167 -7.96 -2.94 -25.07
N ILE B 168 -6.80 -3.59 -25.11
CA ILE B 168 -5.90 -3.60 -23.97
C ILE B 168 -5.10 -2.30 -23.97
N CYS B 169 -5.26 -1.50 -22.92
CA CYS B 169 -4.71 -0.15 -22.89
C CYS B 169 -3.63 0.05 -21.84
N LYS B 170 -3.25 -0.99 -21.10
CA LYS B 170 -2.21 -0.88 -20.10
C LYS B 170 -1.51 -2.23 -19.98
N GLY B 171 -0.38 -2.23 -19.29
CA GLY B 171 0.34 -3.46 -19.06
C GLY B 171 1.16 -3.90 -20.27
N SER B 172 1.76 -5.07 -20.12
CA SER B 172 2.71 -5.55 -21.13
C SER B 172 2.06 -5.67 -22.50
N PHE B 173 0.78 -6.00 -22.56
CA PHE B 173 0.09 -6.21 -23.82
C PHE B 173 -0.63 -4.96 -24.33
N GLY B 174 -0.42 -3.81 -23.70
CA GLY B 174 -1.08 -2.59 -24.12
C GLY B 174 -0.13 -1.55 -24.66
N LYS B 175 1.16 -1.90 -24.76
CA LYS B 175 2.17 -0.92 -25.14
C LYS B 175 1.87 -0.30 -26.50
N LYS B 176 1.37 -1.10 -27.44
CA LYS B 176 1.10 -0.59 -28.79
C LYS B 176 -0.15 0.26 -28.85
N ASN B 177 -1.03 0.17 -27.86
CA ASN B 177 -2.31 0.88 -27.88
C ASN B 177 -2.39 2.06 -26.93
N LYS B 178 -1.57 2.09 -25.88
CA LYS B 178 -1.83 2.96 -24.74
C LYS B 178 -1.86 4.44 -25.12
N ASP B 179 -1.12 4.85 -26.14
CA ASP B 179 -1.04 6.25 -26.52
C ASP B 179 -2.01 6.63 -27.64
N LYS B 180 -2.81 5.69 -28.12
CA LYS B 180 -3.74 5.94 -29.21
C LYS B 180 -5.05 6.53 -28.67
N GLU B 181 -5.81 7.15 -29.57
CA GLU B 181 -7.09 7.75 -29.21
C GLU B 181 -8.01 6.77 -28.50
N MET B 182 -8.05 5.54 -28.98
CA MET B 182 -8.91 4.51 -28.42
C MET B 182 -8.63 4.15 -26.96
N CYS B 183 -7.51 4.56 -26.47
CA CYS B 183 -7.15 4.32 -25.08
C CYS B 183 -7.24 5.55 -24.20
N LYS B 184 -7.65 6.69 -24.74
CA LYS B 184 -7.85 7.87 -23.92
C LYS B 184 -9.01 7.66 -22.95
N ALA B 185 -8.88 8.26 -21.76
CA ALA B 185 -9.84 8.00 -20.70
C ALA B 185 -11.27 8.29 -21.14
N ASP B 186 -11.44 9.33 -21.93
CA ASP B 186 -12.76 9.70 -22.39
C ASP B 186 -13.30 9.00 -23.59
N VAL B 187 -12.49 8.13 -24.17
CA VAL B 187 -12.90 7.28 -25.28
C VAL B 187 -13.04 5.83 -24.84
N ALA B 188 -12.07 5.34 -24.08
CA ALA B 188 -12.11 3.95 -23.65
C ALA B 188 -13.20 3.69 -22.62
N TYR B 189 -13.72 4.74 -21.96
CA TYR B 189 -14.73 4.59 -20.92
C TYR B 189 -15.90 5.51 -21.18
N LYS B 190 -17.09 5.01 -20.86
CA LYS B 190 -18.30 5.81 -20.76
C LYS B 190 -18.76 5.77 -19.31
N LYS B 191 -19.08 6.91 -18.75
CA LYS B 191 -19.44 7.01 -17.34
C LYS B 191 -20.90 7.43 -17.21
N TYR B 192 -21.62 6.76 -16.32
CA TYR B 192 -23.03 7.05 -16.06
C TYR B 192 -23.22 7.43 -14.60
N ASP B 193 -23.92 8.56 -14.36
CA ASP B 193 -24.24 9.01 -13.03
C ASP B 193 -25.42 8.21 -12.53
N LEU B 194 -25.22 7.43 -11.48
CA LEU B 194 -26.29 6.63 -10.91
C LEU B 194 -26.95 7.31 -9.72
N GLY B 195 -26.60 8.56 -9.46
CA GLY B 195 -27.27 9.35 -8.44
C GLY B 195 -26.43 9.54 -7.18
N LYS B 196 -26.80 10.56 -6.42
CA LYS B 196 -26.19 10.80 -5.11
C LYS B 196 -26.47 9.60 -4.20
N ALA B 197 -25.46 9.12 -3.51
CA ALA B 197 -25.63 8.01 -2.60
C ALA B 197 -26.33 8.54 -1.36
N PRO B 198 -27.33 7.86 -0.87
CA PRO B 198 -28.07 8.37 0.29
C PRO B 198 -27.42 8.00 1.58
N LEU B 199 -27.81 8.67 2.63
CA LEU B 199 -27.27 8.35 3.94
C LEU B 199 -28.23 7.45 4.64
N ASN B 200 -27.66 6.47 5.31
CA ASN B 200 -28.39 5.52 6.08
C ASN B 200 -29.50 4.88 5.32
N LYS B 201 -29.25 4.53 4.07
CA LYS B 201 -30.28 3.92 3.25
C LYS B 201 -29.60 3.05 2.20
N ALA B 202 -30.20 1.89 1.93
CA ALA B 202 -29.72 1.02 0.86
C ALA B 202 -30.23 1.50 -0.49
N THR B 203 -29.46 1.19 -1.53
CA THR B 203 -29.82 1.50 -2.90
C THR B 203 -29.81 0.19 -3.67
N ALA B 204 -30.85 -0.02 -4.49
CA ALA B 204 -30.99 -1.24 -5.27
C ALA B 204 -30.29 -1.09 -6.61
N PHE B 205 -29.52 -2.10 -6.99
CA PHE B 205 -28.88 -2.18 -8.30
C PHE B 205 -29.23 -3.50 -8.95
N ASP B 206 -29.69 -3.47 -10.19
CA ASP B 206 -29.93 -4.68 -10.96
C ASP B 206 -29.15 -4.57 -12.27
N ILE B 207 -28.21 -5.49 -12.47
CA ILE B 207 -27.33 -5.50 -13.63
C ILE B 207 -27.68 -6.72 -14.47
N THR B 208 -28.07 -6.50 -15.73
CA THR B 208 -28.34 -7.60 -16.64
C THR B 208 -27.38 -7.53 -17.81
N VAL B 209 -26.70 -8.64 -18.08
CA VAL B 209 -25.75 -8.75 -19.17
C VAL B 209 -26.23 -9.87 -20.10
N GLY B 210 -26.22 -9.61 -21.39
CA GLY B 210 -26.68 -10.58 -22.36
C GLY B 210 -27.33 -9.87 -23.53
N ASN B 211 -27.51 -10.60 -24.63
CA ASN B 211 -28.12 -10.03 -25.83
C ASN B 211 -27.41 -8.76 -26.30
N LYS B 212 -26.09 -8.73 -26.16
CA LYS B 212 -25.26 -7.58 -26.59
C LYS B 212 -25.60 -6.29 -25.84
N GLN B 213 -26.13 -6.43 -24.63
CA GLN B 213 -26.52 -5.26 -23.84
C GLN B 213 -26.03 -5.38 -22.42
N LEU B 214 -25.69 -4.23 -21.85
CA LEU B 214 -25.45 -4.07 -20.44
C LEU B 214 -26.53 -3.13 -19.91
N ILE B 215 -27.38 -3.65 -19.03
CA ILE B 215 -28.52 -2.90 -18.50
C ILE B 215 -28.30 -2.72 -17.01
N ILE B 216 -28.49 -1.50 -16.52
CA ILE B 216 -28.42 -1.22 -15.08
C ILE B 216 -29.68 -0.47 -14.67
N ASP B 217 -30.39 -1.02 -13.69
CA ASP B 217 -31.50 -0.34 -13.02
C ASP B 217 -31.06 0.05 -11.62
N VAL B 218 -31.45 1.25 -11.20
CA VAL B 218 -31.13 1.77 -9.88
C VAL B 218 -32.44 2.13 -9.21
N ASP B 219 -32.71 1.54 -8.05
CA ASP B 219 -33.98 1.72 -7.34
C ASP B 219 -35.16 1.51 -8.28
N GLY B 220 -35.05 0.50 -9.15
CA GLY B 220 -36.12 0.12 -10.04
C GLY B 220 -36.20 0.90 -11.34
N LYS B 221 -35.36 1.91 -11.53
CA LYS B 221 -35.40 2.76 -12.70
C LYS B 221 -34.26 2.42 -13.65
N ARG B 222 -34.57 2.20 -14.92
CA ARG B 222 -33.57 1.87 -15.92
CA ARG B 222 -33.54 1.87 -15.89
C ARG B 222 -32.73 3.11 -16.21
N LEU B 223 -31.46 3.09 -15.83
CA LEU B 223 -30.56 4.22 -16.10
C LEU B 223 -29.53 3.94 -17.19
N VAL B 224 -29.17 2.70 -17.42
CA VAL B 224 -28.15 2.35 -18.40
C VAL B 224 -28.69 1.25 -19.30
N GLU B 225 -28.61 1.45 -20.61
CA GLU B 225 -28.93 0.41 -21.60
C GLU B 225 -27.87 0.58 -22.69
N HIS B 226 -26.75 -0.11 -22.51
CA HIS B 226 -25.53 0.16 -23.26
C HIS B 226 -25.23 -1.00 -24.20
N ASP B 227 -25.03 -0.71 -25.48
CA ASP B 227 -24.68 -1.73 -26.47
C ASP B 227 -23.25 -2.19 -26.24
N ILE B 228 -23.06 -3.52 -26.07
CA ILE B 228 -21.74 -4.08 -25.81
C ILE B 228 -21.34 -5.08 -26.90
N ASP B 229 -21.78 -4.85 -28.12
CA ASP B 229 -21.41 -5.72 -29.25
C ASP B 229 -19.87 -5.88 -29.30
N TYR B 230 -19.16 -4.83 -29.01
CA TYR B 230 -17.71 -4.84 -29.03
C TYR B 230 -17.02 -5.84 -28.09
N TRP B 231 -17.75 -6.29 -27.09
CA TRP B 231 -17.28 -7.21 -26.07
C TRP B 231 -17.68 -8.65 -26.30
N ARG B 232 -18.31 -8.90 -27.42
CA ARG B 232 -18.91 -10.20 -27.72
C ARG B 232 -18.08 -11.45 -27.55
N HIS B 233 -16.79 -11.31 -27.85
CA HIS B 233 -15.90 -12.46 -27.76
C HIS B 233 -15.43 -12.77 -26.35
N LEU B 234 -15.71 -11.91 -25.36
CA LEU B 234 -15.13 -12.04 -24.03
C LEU B 234 -16.13 -12.68 -23.07
N LEU B 235 -15.80 -13.88 -22.58
CA LEU B 235 -16.58 -14.47 -21.49
C LEU B 235 -16.42 -13.61 -20.24
N SER B 236 -17.53 -13.36 -19.55
CA SER B 236 -17.58 -12.36 -18.50
C SER B 236 -18.18 -12.93 -17.23
N TYR B 237 -17.98 -12.22 -16.11
CA TYR B 237 -18.44 -12.75 -14.84
C TYR B 237 -18.70 -11.61 -13.86
N PHE B 238 -19.52 -11.91 -12.86
CA PHE B 238 -19.91 -10.95 -11.84
C PHE B 238 -19.04 -11.05 -10.59
N LYS B 239 -18.79 -9.90 -9.95
CA LYS B 239 -18.25 -9.84 -8.61
C LYS B 239 -19.02 -8.80 -7.81
N ALA B 240 -19.06 -9.00 -6.50
CA ALA B 240 -19.71 -8.08 -5.58
C ALA B 240 -18.96 -8.11 -4.26
N GLY B 241 -18.80 -6.93 -3.66
CA GLY B 241 -18.16 -6.81 -2.36
C GLY B 241 -17.55 -5.44 -2.23
N VAL B 242 -16.26 -5.35 -1.88
CA VAL B 242 -15.53 -4.09 -1.90
C VAL B 242 -14.17 -4.29 -2.54
N ALA B 243 -13.73 -3.29 -3.29
CA ALA B 243 -12.38 -3.20 -3.80
C ALA B 243 -11.97 -1.75 -3.66
N ASN B 244 -10.78 -1.51 -3.10
CA ASN B 244 -10.38 -0.17 -2.67
C ASN B 244 -9.56 0.52 -3.74
N GLN B 245 -10.01 1.70 -4.17
CA GLN B 245 -9.17 2.60 -4.94
C GLN B 245 -9.01 3.90 -4.15
N PHE B 246 -8.44 3.77 -2.95
CA PHE B 246 -8.14 4.88 -2.06
C PHE B 246 -7.13 4.35 -1.06
N THR B 247 -6.40 5.26 -0.40
CA THR B 247 -5.31 4.84 0.48
C THR B 247 -5.64 5.07 1.95
N ASN B 248 -4.96 4.28 2.79
CA ASN B 248 -4.86 4.53 4.23
C ASN B 248 -6.19 4.44 4.97
N GLY B 249 -7.13 3.62 4.47
CA GLY B 249 -8.42 3.52 5.11
C GLY B 249 -9.10 2.18 4.87
N MET B 250 -10.27 2.02 5.49
CA MET B 250 -11.04 0.79 5.38
C MET B 250 -12.42 1.08 4.80
N SER B 251 -12.80 0.29 3.81
CA SER B 251 -14.13 0.39 3.23
C SER B 251 -15.05 -0.61 3.91
N GLU B 252 -16.36 -0.35 3.79
CA GLU B 252 -17.36 -1.19 4.41
C GLU B 252 -18.65 -1.05 3.62
N ALA B 253 -19.14 -2.17 3.07
CA ALA B 253 -20.39 -2.21 2.34
C ALA B 253 -21.33 -3.20 3.00
N HIS B 254 -22.60 -2.81 3.15
CA HIS B 254 -23.64 -3.66 3.70
C HIS B 254 -24.63 -4.02 2.60
N PHE B 255 -24.77 -5.30 2.30
CA PHE B 255 -25.68 -5.78 1.27
C PHE B 255 -26.91 -6.38 1.95
N ASN B 256 -28.04 -5.66 1.88
CA ASN B 256 -29.30 -6.24 2.35
C ASN B 256 -29.78 -7.34 1.41
N LYS B 257 -29.32 -7.34 0.17
CA LYS B 257 -29.75 -8.31 -0.83
C LYS B 257 -28.58 -8.56 -1.76
N LEU B 258 -28.38 -9.82 -2.11
CA LEU B 258 -27.41 -10.17 -3.15
C LEU B 258 -27.89 -11.45 -3.80
N GLU B 259 -28.22 -11.36 -5.08
CA GLU B 259 -28.79 -12.46 -5.85
C GLU B 259 -28.14 -12.53 -7.22
N TYR B 260 -28.12 -13.74 -7.75
CA TYR B 260 -27.64 -14.06 -9.09
C TYR B 260 -28.62 -14.98 -9.78
N LYS B 261 -28.94 -14.68 -11.02
CA LYS B 261 -29.85 -15.48 -11.79
C LYS B 261 -29.44 -15.58 -13.24
N ALA B 262 -29.45 -16.78 -13.76
CA ALA B 262 -29.18 -17.01 -15.16
C ALA B 262 -30.49 -17.39 -15.86
N LEU B 263 -30.81 -16.71 -16.92
CA LEU B 263 -31.99 -17.01 -17.68
C LEU B 263 -31.58 -17.47 -19.06
N GLU B 264 -31.50 -18.77 -19.23
CA GLU B 264 -31.09 -19.39 -20.47
C GLU B 264 -32.26 -20.11 -21.09
N THR B 265 -32.73 -19.62 -22.21
CA THR B 265 -33.88 -20.15 -22.91
C THR B 265 -33.53 -20.69 -24.27
N LYS B 266 -34.51 -21.31 -24.92
CA LYS B 266 -34.46 -21.98 -26.24
C LYS B 266 -33.77 -23.30 -26.20
#